data_6C4O
# 
_entry.id   6C4O 
# 
_audit_conform.dict_name       mmcif_pdbx.dic 
_audit_conform.dict_version    5.387 
_audit_conform.dict_location   http://mmcif.pdb.org/dictionaries/ascii/mmcif_pdbx.dic 
# 
loop_
_database_2.database_id 
_database_2.database_code 
_database_2.pdbx_database_accession 
_database_2.pdbx_DOI 
PDB   6C4O         pdb_00006c4o 10.2210/pdb6c4o/pdb 
WWPDB D_1000232033 ?            ?                   
# 
loop_
_pdbx_audit_revision_history.ordinal 
_pdbx_audit_revision_history.data_content_type 
_pdbx_audit_revision_history.major_revision 
_pdbx_audit_revision_history.minor_revision 
_pdbx_audit_revision_history.revision_date 
1 'Structure model' 1 0 2018-04-18 
2 'Structure model' 1 1 2018-07-18 
3 'Structure model' 1 2 2024-03-13 
# 
_pdbx_audit_revision_details.ordinal             1 
_pdbx_audit_revision_details.revision_ordinal    1 
_pdbx_audit_revision_details.data_content_type   'Structure model' 
_pdbx_audit_revision_details.provider            repository 
_pdbx_audit_revision_details.type                'Initial release' 
_pdbx_audit_revision_details.description         ? 
_pdbx_audit_revision_details.details             ? 
# 
loop_
_pdbx_audit_revision_group.ordinal 
_pdbx_audit_revision_group.revision_ordinal 
_pdbx_audit_revision_group.data_content_type 
_pdbx_audit_revision_group.group 
1 2 'Structure model' 'Data collection'     
2 2 'Structure model' 'Database references' 
3 3 'Structure model' 'Data collection'     
4 3 'Structure model' 'Database references' 
# 
loop_
_pdbx_audit_revision_category.ordinal 
_pdbx_audit_revision_category.revision_ordinal 
_pdbx_audit_revision_category.data_content_type 
_pdbx_audit_revision_category.category 
1 2 'Structure model' citation       
2 3 'Structure model' chem_comp_atom 
3 3 'Structure model' chem_comp_bond 
4 3 'Structure model' database_2     
# 
loop_
_pdbx_audit_revision_item.ordinal 
_pdbx_audit_revision_item.revision_ordinal 
_pdbx_audit_revision_item.data_content_type 
_pdbx_audit_revision_item.item 
1 2 'Structure model' '_citation.journal_volume'            
2 2 'Structure model' '_citation.page_first'                
3 2 'Structure model' '_citation.page_last'                 
4 2 'Structure model' '_citation.title'                     
5 3 'Structure model' '_database_2.pdbx_DOI'                
6 3 'Structure model' '_database_2.pdbx_database_accession' 
# 
_pdbx_database_status.status_code                     REL 
_pdbx_database_status.status_code_sf                  REL 
_pdbx_database_status.status_code_mr                  ? 
_pdbx_database_status.entry_id                        6C4O 
_pdbx_database_status.recvd_initial_deposition_date   2018-01-12 
_pdbx_database_status.SG_entry                        N 
_pdbx_database_status.deposit_site                    RCSB 
_pdbx_database_status.process_site                    RCSB 
_pdbx_database_status.status_code_cs                  ? 
_pdbx_database_status.methods_development_category    ? 
_pdbx_database_status.pdb_format_compatible           Y 
_pdbx_database_status.status_code_nmr_data            ? 
# 
loop_
_pdbx_database_related.db_name 
_pdbx_database_related.details 
_pdbx_database_related.db_id 
_pdbx_database_related.content_type 
PDB . 6C3F unspecified 
PDB . 6C3G unspecified 
PDB . 6C3S unspecified 
PDB . 6C3T unspecified 
# 
loop_
_audit_author.name 
_audit_author.pdbx_ordinal 
_audit_author.identifier_ORCID 
'Sievers, S.A.'   1 ?                   
'Sawaya, M.R.'    2 0000-0003-0874-9043 
'Saelices, L.'    3 0000-0002-1904-2150 
'Eisenberg, D.S.' 4 0000-0003-2432-5419 
# 
_citation.abstract                  ? 
_citation.abstract_id_CAS           ? 
_citation.book_id_ISBN              ? 
_citation.book_publisher            ? 
_citation.book_publisher_city       ? 
_citation.book_title                ? 
_citation.coordinate_linkage        ? 
_citation.country                   US 
_citation.database_id_Medline       ? 
_citation.details                   ? 
_citation.id                        primary 
_citation.journal_abbrev            'Protein Sci.' 
_citation.journal_id_ASTM           PRCIEI 
_citation.journal_id_CSD            0795 
_citation.journal_id_ISSN           1469-896X 
_citation.journal_full              ? 
_citation.journal_issue             ? 
_citation.journal_volume            27 
_citation.language                  ? 
_citation.page_first                1295 
_citation.page_last                 1303 
_citation.title                     'Crystal structures of amyloidogenic segments of human transthyretin.' 
_citation.year                      2018 
_citation.database_id_CSD           ? 
_citation.pdbx_database_id_DOI      10.1002/pro.3420 
_citation.pdbx_database_id_PubMed   29626847 
_citation.unpublished_flag          ? 
# 
loop_
_citation_author.citation_id 
_citation_author.name 
_citation_author.ordinal 
_citation_author.identifier_ORCID 
primary 'Saelices, L.'    1 ? 
primary 'Sievers, S.A.'   2 ? 
primary 'Sawaya, M.R.'    3 ? 
primary 'Eisenberg, D.S.' 4 ? 
# 
loop_
_entity.id 
_entity.type 
_entity.src_method 
_entity.pdbx_description 
_entity.formula_weight 
_entity.pdbx_number_of_molecules 
_entity.pdbx_ec 
_entity.pdbx_mutation 
_entity.pdbx_fragment 
_entity.details 
1 polymer syn THR-ILE-ALA-ALA-LEU-LEU-SER 687.826 2 ? ? ? ? 
2 water   nat water                       18.015  5 ? ? ? ? 
# 
_entity_poly.entity_id                      1 
_entity_poly.type                           'polypeptide(L)' 
_entity_poly.nstd_linkage                   no 
_entity_poly.nstd_monomer                   no 
_entity_poly.pdbx_seq_one_letter_code       TIAALLS 
_entity_poly.pdbx_seq_one_letter_code_can   TIAALLS 
_entity_poly.pdbx_strand_id                 A,B 
_entity_poly.pdbx_target_identifier         ? 
# 
_pdbx_entity_nonpoly.entity_id   2 
_pdbx_entity_nonpoly.name        water 
_pdbx_entity_nonpoly.comp_id     HOH 
# 
loop_
_entity_poly_seq.entity_id 
_entity_poly_seq.num 
_entity_poly_seq.mon_id 
_entity_poly_seq.hetero 
1 1 THR n 
1 2 ILE n 
1 3 ALA n 
1 4 ALA n 
1 5 LEU n 
1 6 LEU n 
1 7 SER n 
# 
_pdbx_entity_src_syn.entity_id              1 
_pdbx_entity_src_syn.pdbx_src_id            1 
_pdbx_entity_src_syn.pdbx_alt_source_flag   sample 
_pdbx_entity_src_syn.pdbx_beg_seq_num       1 
_pdbx_entity_src_syn.pdbx_end_seq_num       7 
_pdbx_entity_src_syn.organism_scientific    'Homo sapiens' 
_pdbx_entity_src_syn.organism_common_name   human 
_pdbx_entity_src_syn.ncbi_taxonomy_id       9606 
_pdbx_entity_src_syn.details                ? 
# 
loop_
_chem_comp.id 
_chem_comp.type 
_chem_comp.mon_nstd_flag 
_chem_comp.name 
_chem_comp.pdbx_synonyms 
_chem_comp.formula 
_chem_comp.formula_weight 
ALA 'L-peptide linking' y ALANINE    ? 'C3 H7 N O2'  89.093  
HOH non-polymer         . WATER      ? 'H2 O'        18.015  
ILE 'L-peptide linking' y ISOLEUCINE ? 'C6 H13 N O2' 131.173 
LEU 'L-peptide linking' y LEUCINE    ? 'C6 H13 N O2' 131.173 
SER 'L-peptide linking' y SERINE     ? 'C3 H7 N O3'  105.093 
THR 'L-peptide linking' y THREONINE  ? 'C4 H9 N O3'  119.119 
# 
loop_
_pdbx_poly_seq_scheme.asym_id 
_pdbx_poly_seq_scheme.entity_id 
_pdbx_poly_seq_scheme.seq_id 
_pdbx_poly_seq_scheme.mon_id 
_pdbx_poly_seq_scheme.ndb_seq_num 
_pdbx_poly_seq_scheme.pdb_seq_num 
_pdbx_poly_seq_scheme.auth_seq_num 
_pdbx_poly_seq_scheme.pdb_mon_id 
_pdbx_poly_seq_scheme.auth_mon_id 
_pdbx_poly_seq_scheme.pdb_strand_id 
_pdbx_poly_seq_scheme.pdb_ins_code 
_pdbx_poly_seq_scheme.hetero 
A 1 1 THR 1 1 1 THR THR A . n 
A 1 2 ILE 2 2 2 ILE ILE A . n 
A 1 3 ALA 3 3 3 ALA ALA A . n 
A 1 4 ALA 4 4 4 ALA ALA A . n 
A 1 5 LEU 5 5 5 LEU LEU A . n 
A 1 6 LEU 6 6 6 LEU LEU A . n 
A 1 7 SER 7 7 7 SER SER A . n 
B 1 1 THR 1 1 1 THR THR B . n 
B 1 2 ILE 2 2 2 ILE ILE B . n 
B 1 3 ALA 3 3 3 ALA ALA B . n 
B 1 4 ALA 4 4 4 ALA ALA B . n 
B 1 5 LEU 5 5 5 LEU LEU B . n 
B 1 6 LEU 6 6 6 LEU LEU B . n 
B 1 7 SER 7 7 7 SER SER B . n 
# 
loop_
_pdbx_nonpoly_scheme.asym_id 
_pdbx_nonpoly_scheme.entity_id 
_pdbx_nonpoly_scheme.mon_id 
_pdbx_nonpoly_scheme.ndb_seq_num 
_pdbx_nonpoly_scheme.pdb_seq_num 
_pdbx_nonpoly_scheme.auth_seq_num 
_pdbx_nonpoly_scheme.pdb_mon_id 
_pdbx_nonpoly_scheme.auth_mon_id 
_pdbx_nonpoly_scheme.pdb_strand_id 
_pdbx_nonpoly_scheme.pdb_ins_code 
C 2 HOH 1 101 5 HOH HOH A . 
C 2 HOH 2 102 1 HOH HOH A . 
C 2 HOH 3 103 4 HOH HOH A . 
D 2 HOH 1 101 3 HOH HOH B . 
D 2 HOH 2 102 2 HOH HOH B . 
# 
loop_
_software.citation_id 
_software.classification 
_software.compiler_name 
_software.compiler_version 
_software.contact_author 
_software.contact_author_email 
_software.date 
_software.description 
_software.dependencies 
_software.hardware 
_software.language 
_software.location 
_software.mods 
_software.name 
_software.os 
_software.os_version 
_software.type 
_software.version 
_software.pdbx_ordinal 
? 'data scaling'    ? ? ? ? ? ? ? ? ? ? ? SCALEPACK   ? ? ? .        1 
? refinement        ? ? ? ? ? ? ? ? ? ? ? REFMAC      ? ? ? 5.4.0061 2 
? 'data extraction' ? ? ? ? ? ? ? ? ? ? ? PDB_EXTRACT ? ? ? 3.24     3 
? 'data reduction'  ? ? ? ? ? ? ? ? ? ? ? DENZO       ? ? ? .        4 
? phasing           ? ? ? ? ? ? ? ? ? ? ? PHASER      ? ? ? .        5 
# 
_cell.angle_alpha                  90.000 
_cell.angle_alpha_esd              ? 
_cell.angle_beta                   95.760 
_cell.angle_beta_esd               ? 
_cell.angle_gamma                  90.000 
_cell.angle_gamma_esd              ? 
_cell.entry_id                     6C4O 
_cell.details                      ? 
_cell.formula_units_Z              ? 
_cell.length_a                     9.597 
_cell.length_a_esd                 ? 
_cell.length_b                     17.306 
_cell.length_b_esd                 ? 
_cell.length_c                     24.998 
_cell.length_c_esd                 ? 
_cell.volume                       ? 
_cell.volume_esd                   ? 
_cell.Z_PDB                        4 
_cell.reciprocal_angle_alpha       ? 
_cell.reciprocal_angle_beta        ? 
_cell.reciprocal_angle_gamma       ? 
_cell.reciprocal_angle_alpha_esd   ? 
_cell.reciprocal_angle_beta_esd    ? 
_cell.reciprocal_angle_gamma_esd   ? 
_cell.reciprocal_length_a          ? 
_cell.reciprocal_length_b          ? 
_cell.reciprocal_length_c          ? 
_cell.reciprocal_length_a_esd      ? 
_cell.reciprocal_length_b_esd      ? 
_cell.reciprocal_length_c_esd      ? 
_cell.pdbx_unique_axis             ? 
# 
_symmetry.entry_id                         6C4O 
_symmetry.cell_setting                     ? 
_symmetry.Int_Tables_number                4 
_symmetry.space_group_name_Hall            ? 
_symmetry.space_group_name_H-M             'P 1 21 1' 
_symmetry.pdbx_full_space_group_name_H-M   ? 
# 
_exptl.absorpt_coefficient_mu     ? 
_exptl.absorpt_correction_T_max   ? 
_exptl.absorpt_correction_T_min   ? 
_exptl.absorpt_correction_type    ? 
_exptl.absorpt_process_details    ? 
_exptl.entry_id                   6C4O 
_exptl.crystals_number            1 
_exptl.details                    ? 
_exptl.method                     'X-RAY DIFFRACTION' 
_exptl.method_details             ? 
# 
_exptl_crystal.colour                      ? 
_exptl_crystal.density_diffrn              ? 
_exptl_crystal.density_Matthews            1.5 
_exptl_crystal.density_method              ? 
_exptl_crystal.density_percent_sol         18.08 
_exptl_crystal.description                 ? 
_exptl_crystal.F_000                       ? 
_exptl_crystal.id                          1 
_exptl_crystal.preparation                 ? 
_exptl_crystal.size_max                    ? 
_exptl_crystal.size_mid                    ? 
_exptl_crystal.size_min                    ? 
_exptl_crystal.size_rad                    ? 
_exptl_crystal.colour_lustre               ? 
_exptl_crystal.colour_modifier             ? 
_exptl_crystal.colour_primary              ? 
_exptl_crystal.density_meas                ? 
_exptl_crystal.density_meas_esd            ? 
_exptl_crystal.density_meas_gt             ? 
_exptl_crystal.density_meas_lt             ? 
_exptl_crystal.density_meas_temp           ? 
_exptl_crystal.density_meas_temp_esd       ? 
_exptl_crystal.density_meas_temp_gt        ? 
_exptl_crystal.density_meas_temp_lt        ? 
_exptl_crystal.pdbx_crystal_image_url      ? 
_exptl_crystal.pdbx_crystal_image_format   ? 
_exptl_crystal.pdbx_mosaicity              ? 
_exptl_crystal.pdbx_mosaicity_esd          ? 
# 
_exptl_crystal_grow.apparatus       ? 
_exptl_crystal_grow.atmosphere      ? 
_exptl_crystal_grow.crystal_id      1 
_exptl_crystal_grow.details         ? 
_exptl_crystal_grow.method          'VAPOR DIFFUSION, HANGING DROP' 
_exptl_crystal_grow.method_ref      ? 
_exptl_crystal_grow.pH              ? 
_exptl_crystal_grow.pressure        ? 
_exptl_crystal_grow.pressure_esd    ? 
_exptl_crystal_grow.seeding         ? 
_exptl_crystal_grow.seeding_ref     ? 
_exptl_crystal_grow.temp            298 
_exptl_crystal_grow.temp_details    ? 
_exptl_crystal_grow.temp_esd        ? 
_exptl_crystal_grow.time            ? 
_exptl_crystal_grow.pdbx_details    
;TIAALLS crystals were grown from 5mg/mL peptide and 10% acetonitrile. The reservoir contained 100mM Tris pH 8.5 and 0.3 M magnesium formate dihydrate. Crystals were soaked on 25% Glycerol prior to diffraction
;
_exptl_crystal_grow.pdbx_pH_range   ? 
# 
_diffrn.ambient_environment    ? 
_diffrn.ambient_temp           100 
_diffrn.ambient_temp_details   ? 
_diffrn.ambient_temp_esd       ? 
_diffrn.crystal_id             1 
_diffrn.crystal_support        ? 
_diffrn.crystal_treatment      ? 
_diffrn.details                ? 
_diffrn.id                     1 
_diffrn.ambient_pressure       ? 
_diffrn.ambient_pressure_esd   ? 
_diffrn.ambient_pressure_gt    ? 
_diffrn.ambient_pressure_lt    ? 
_diffrn.ambient_temp_gt        ? 
_diffrn.ambient_temp_lt        ? 
# 
_diffrn_detector.details                      ? 
_diffrn_detector.detector                     CCD 
_diffrn_detector.diffrn_id                    1 
_diffrn_detector.type                         'ADSC QUANTUM 315' 
_diffrn_detector.area_resol_mean              ? 
_diffrn_detector.dtime                        ? 
_diffrn_detector.pdbx_frames_total            ? 
_diffrn_detector.pdbx_collection_time_total   ? 
_diffrn_detector.pdbx_collection_date         2017-11-08 
# 
_diffrn_radiation.collimation                      ? 
_diffrn_radiation.diffrn_id                        1 
_diffrn_radiation.filter_edge                      ? 
_diffrn_radiation.inhomogeneity                    ? 
_diffrn_radiation.monochromator                    ? 
_diffrn_radiation.polarisn_norm                    ? 
_diffrn_radiation.polarisn_ratio                   ? 
_diffrn_radiation.probe                            ? 
_diffrn_radiation.type                             ? 
_diffrn_radiation.xray_symbol                      ? 
_diffrn_radiation.wavelength_id                    1 
_diffrn_radiation.pdbx_monochromatic_or_laue_m_l   M 
_diffrn_radiation.pdbx_wavelength_list             ? 
_diffrn_radiation.pdbx_wavelength                  ? 
_diffrn_radiation.pdbx_diffrn_protocol             'SINGLE WAVELENGTH' 
_diffrn_radiation.pdbx_analyzer                    ? 
_diffrn_radiation.pdbx_scattering_type             x-ray 
# 
_diffrn_radiation_wavelength.id           1 
_diffrn_radiation_wavelength.wavelength   0.9792 
_diffrn_radiation_wavelength.wt           1.0 
# 
_diffrn_source.current                     ? 
_diffrn_source.details                     ? 
_diffrn_source.diffrn_id                   1 
_diffrn_source.power                       ? 
_diffrn_source.size                        ? 
_diffrn_source.source                      SYNCHROTRON 
_diffrn_source.target                      ? 
_diffrn_source.type                        'APS BEAMLINE 24-ID-E' 
_diffrn_source.voltage                     ? 
_diffrn_source.take-off_angle              ? 
_diffrn_source.pdbx_wavelength_list        0.9792 
_diffrn_source.pdbx_wavelength             ? 
_diffrn_source.pdbx_synchrotron_beamline   24-ID-E 
_diffrn_source.pdbx_synchrotron_site       APS 
# 
_reflns.B_iso_Wilson_estimate            ? 
_reflns.entry_id                         6C4O 
_reflns.data_reduction_details           ? 
_reflns.data_reduction_method            ? 
_reflns.d_resolution_high                1.7900 
_reflns.d_resolution_low                 90.000 
_reflns.details                          ? 
_reflns.limit_h_max                      ? 
_reflns.limit_h_min                      ? 
_reflns.limit_k_max                      ? 
_reflns.limit_k_min                      ? 
_reflns.limit_l_max                      ? 
_reflns.limit_l_min                      ? 
_reflns.number_all                       ? 
_reflns.number_obs                       784 
_reflns.observed_criterion               ? 
_reflns.observed_criterion_F_max         ? 
_reflns.observed_criterion_F_min         ? 
_reflns.observed_criterion_I_max         ? 
_reflns.observed_criterion_I_min         ? 
_reflns.observed_criterion_sigma_F       ? 
_reflns.observed_criterion_sigma_I       ? 
_reflns.percent_possible_obs             97.500 
_reflns.R_free_details                   ? 
_reflns.Rmerge_F_all                     ? 
_reflns.Rmerge_F_obs                     ? 
_reflns.Friedel_coverage                 ? 
_reflns.number_gt                        ? 
_reflns.threshold_expression             ? 
_reflns.pdbx_redundancy                  3.500 
_reflns.pdbx_Rmerge_I_obs                0.217 
_reflns.pdbx_Rmerge_I_all                ? 
_reflns.pdbx_Rsym_value                  ? 
_reflns.pdbx_netI_over_av_sigmaI         ? 
_reflns.pdbx_netI_over_sigmaI            4.400 
_reflns.pdbx_res_netI_over_av_sigmaI_2   ? 
_reflns.pdbx_res_netI_over_sigmaI_2      ? 
_reflns.pdbx_chi_squared                 1.079 
_reflns.pdbx_scaling_rejects             ? 
_reflns.pdbx_d_res_high_opt              ? 
_reflns.pdbx_d_res_low_opt               ? 
_reflns.pdbx_d_res_opt_method            ? 
_reflns.phase_calculation_details        ? 
_reflns.pdbx_Rrim_I_all                  ? 
_reflns.pdbx_Rpim_I_all                  ? 
_reflns.pdbx_d_opt                       ? 
_reflns.pdbx_number_measured_all         ? 
_reflns.pdbx_diffrn_id                   1 
_reflns.pdbx_ordinal                     1 
_reflns.pdbx_CC_half                     ? 
_reflns.pdbx_R_split                     ? 
# 
loop_
_reflns_shell.d_res_high 
_reflns_shell.d_res_low 
_reflns_shell.meanI_over_sigI_all 
_reflns_shell.meanI_over_sigI_obs 
_reflns_shell.number_measured_all 
_reflns_shell.number_measured_obs 
_reflns_shell.number_possible 
_reflns_shell.number_unique_all 
_reflns_shell.number_unique_obs 
_reflns_shell.percent_possible_all 
_reflns_shell.percent_possible_obs 
_reflns_shell.Rmerge_F_all 
_reflns_shell.Rmerge_F_obs 
_reflns_shell.Rmerge_I_all 
_reflns_shell.Rmerge_I_obs 
_reflns_shell.meanI_over_sigI_gt 
_reflns_shell.meanI_over_uI_all 
_reflns_shell.meanI_over_uI_gt 
_reflns_shell.number_measured_gt 
_reflns_shell.number_unique_gt 
_reflns_shell.percent_possible_gt 
_reflns_shell.Rmerge_F_gt 
_reflns_shell.Rmerge_I_gt 
_reflns_shell.pdbx_redundancy 
_reflns_shell.pdbx_Rsym_value 
_reflns_shell.pdbx_chi_squared 
_reflns_shell.pdbx_netI_over_sigmaI_all 
_reflns_shell.pdbx_netI_over_sigmaI_obs 
_reflns_shell.pdbx_Rrim_I_all 
_reflns_shell.pdbx_Rpim_I_all 
_reflns_shell.pdbx_rejects 
_reflns_shell.pdbx_ordinal 
_reflns_shell.pdbx_diffrn_id 
_reflns_shell.pdbx_CC_half 
_reflns_shell.pdbx_R_split 
1.800 1.940  ? ? ? ? ? ? 155 93.400 ? ? ? ? 0.556 ? ? ? ? ? ? ? ? 2.800 ? 1.002 ? ? ? ? ? 1 1 ? ? 
1.940 2.130  ? ? ? ? ? ? 145 99.300 ? ? ? ? 0.429 ? ? ? ? ? ? ? ? 3.500 ? 1.124 ? ? ? ? ? 2 1 ? ? 
2.130 2.440  ? ? ? ? ? ? 159 98.100 ? ? ? ? 0.325 ? ? ? ? ? ? ? ? 3.700 ? 1.019 ? ? ? ? ? 3 1 ? ? 
2.440 3.080  ? ? ? ? ? ? 159 97.500 ? ? ? ? 0.212 ? ? ? ? ? ? ? ? 3.900 ? 1.159 ? ? ? ? ? 4 1 ? ? 
3.080 90.000 ? ? ? ? ? ? 166 99.400 ? ? ? ? 0.137 ? ? ? ? ? ? ? ? 3.700 ? 1.065 ? ? ? ? ? 5 1 ? ? 
# 
_refine.aniso_B[1][1]                            -0.8100 
_refine.aniso_B[1][2]                            0.0000 
_refine.aniso_B[1][3]                            0.2000 
_refine.aniso_B[2][2]                            0.8500 
_refine.aniso_B[2][3]                            0.0000 
_refine.aniso_B[3][3]                            0.0100 
_refine.B_iso_max                                35.060 
_refine.B_iso_mean                               6.6360 
_refine.B_iso_min                                2.000 
_refine.correlation_coeff_Fo_to_Fc               0.9650 
_refine.correlation_coeff_Fo_to_Fc_free          0.9500 
_refine.details                                  'HYDROGENS HAVE BEEN ADDED IN THE RIDING POSITIONS' 
_refine.diff_density_max                         ? 
_refine.diff_density_max_esd                     ? 
_refine.diff_density_min                         ? 
_refine.diff_density_min_esd                     ? 
_refine.diff_density_rms                         ? 
_refine.diff_density_rms_esd                     ? 
_refine.entry_id                                 6C4O 
_refine.pdbx_refine_id                           'X-RAY DIFFRACTION' 
_refine.ls_abs_structure_details                 ? 
_refine.ls_abs_structure_Flack                   ? 
_refine.ls_abs_structure_Flack_esd               ? 
_refine.ls_abs_structure_Rogers                  ? 
_refine.ls_abs_structure_Rogers_esd              ? 
_refine.ls_d_res_high                            1.7900 
_refine.ls_d_res_low                             14.2100 
_refine.ls_extinction_coef                       ? 
_refine.ls_extinction_coef_esd                   ? 
_refine.ls_extinction_expression                 ? 
_refine.ls_extinction_method                     ? 
_refine.ls_goodness_of_fit_all                   ? 
_refine.ls_goodness_of_fit_all_esd               ? 
_refine.ls_goodness_of_fit_obs                   ? 
_refine.ls_goodness_of_fit_obs_esd               ? 
_refine.ls_hydrogen_treatment                    ? 
_refine.ls_matrix_type                           ? 
_refine.ls_number_constraints                    ? 
_refine.ls_number_parameters                     ? 
_refine.ls_number_reflns_all                     ? 
_refine.ls_number_reflns_obs                     692 
_refine.ls_number_reflns_R_free                  85 
_refine.ls_number_reflns_R_work                  ? 
_refine.ls_number_restraints                     ? 
_refine.ls_percent_reflns_obs                    95.5700 
_refine.ls_percent_reflns_R_free                 10.9000 
_refine.ls_R_factor_all                          ? 
_refine.ls_R_factor_obs                          0.1869 
_refine.ls_R_factor_R_free                       0.2278 
_refine.ls_R_factor_R_free_error                 ? 
_refine.ls_R_factor_R_free_error_details         ? 
_refine.ls_R_factor_R_work                       0.1821 
_refine.ls_R_Fsqd_factor_obs                     ? 
_refine.ls_R_I_factor_obs                        ? 
_refine.ls_redundancy_reflns_all                 ? 
_refine.ls_redundancy_reflns_obs                 ? 
_refine.ls_restrained_S_all                      ? 
_refine.ls_restrained_S_obs                      ? 
_refine.ls_shift_over_esd_max                    ? 
_refine.ls_shift_over_esd_mean                   ? 
_refine.ls_structure_factor_coef                 ? 
_refine.ls_weighting_details                     ? 
_refine.ls_weighting_scheme                      ? 
_refine.ls_wR_factor_all                         ? 
_refine.ls_wR_factor_obs                         ? 
_refine.ls_wR_factor_R_free                      ? 
_refine.ls_wR_factor_R_work                      ? 
_refine.occupancy_max                            ? 
_refine.occupancy_min                            ? 
_refine.solvent_model_details                    ? 
_refine.solvent_model_param_bsol                 ? 
_refine.solvent_model_param_ksol                 ? 
_refine.ls_R_factor_gt                           ? 
_refine.ls_goodness_of_fit_gt                    ? 
_refine.ls_goodness_of_fit_ref                   ? 
_refine.ls_shift_over_su_max                     ? 
_refine.ls_shift_over_su_max_lt                  ? 
_refine.ls_shift_over_su_mean                    ? 
_refine.ls_shift_over_su_mean_lt                 ? 
_refine.pdbx_ls_sigma_I                          ? 
_refine.pdbx_ls_sigma_F                          0.000 
_refine.pdbx_ls_sigma_Fsqd                       ? 
_refine.pdbx_data_cutoff_high_absF               ? 
_refine.pdbx_data_cutoff_high_rms_absF           ? 
_refine.pdbx_data_cutoff_low_absF                ? 
_refine.pdbx_isotropic_thermal_model             ? 
_refine.pdbx_ls_cross_valid_method               THROUGHOUT 
_refine.pdbx_method_to_determine_struct          'MOLECULAR REPLACEMENT' 
_refine.pdbx_starting_model                      ? 
_refine.pdbx_stereochemistry_target_values       ? 
_refine.pdbx_R_Free_selection_details            RANDOM 
_refine.pdbx_stereochem_target_val_spec_case     ? 
_refine.pdbx_overall_ESU_R                       0.2040 
_refine.pdbx_overall_ESU_R_Free                  0.1650 
_refine.pdbx_solvent_vdw_probe_radii             1.4000 
_refine.pdbx_solvent_ion_probe_radii             0.8000 
_refine.pdbx_solvent_shrinkage_radii             0.8000 
_refine.pdbx_real_space_R                        ? 
_refine.pdbx_density_correlation                 ? 
_refine.pdbx_pd_number_of_powder_patterns        ? 
_refine.pdbx_pd_number_of_points                 ? 
_refine.pdbx_pd_meas_number_of_points            ? 
_refine.pdbx_pd_proc_ls_prof_R_factor            ? 
_refine.pdbx_pd_proc_ls_prof_wR_factor           ? 
_refine.pdbx_pd_Marquardt_correlation_coeff      ? 
_refine.pdbx_pd_Fsqrd_R_factor                   ? 
_refine.pdbx_pd_ls_matrix_band_width             ? 
_refine.pdbx_overall_phase_error                 ? 
_refine.pdbx_overall_SU_R_free_Cruickshank_DPI   ? 
_refine.pdbx_overall_SU_R_free_Blow_DPI          ? 
_refine.pdbx_overall_SU_R_Blow_DPI               ? 
_refine.pdbx_TLS_residual_ADP_flag               ? 
_refine.pdbx_diffrn_id                           1 
_refine.overall_SU_B                             2.1890 
_refine.overall_SU_ML                            0.0700 
_refine.overall_SU_R_Cruickshank_DPI             ? 
_refine.overall_SU_R_free                        ? 
_refine.overall_FOM_free_R_set                   ? 
_refine.overall_FOM_work_R_set                   ? 
_refine.pdbx_average_fsc_overall                 ? 
_refine.pdbx_average_fsc_work                    ? 
_refine.pdbx_average_fsc_free                    ? 
# 
_refine_hist.cycle_id                         final 
_refine_hist.pdbx_refine_id                   'X-RAY DIFFRACTION' 
_refine_hist.d_res_high                       1.7900 
_refine_hist.d_res_low                        14.2100 
_refine_hist.pdbx_number_atoms_ligand         0 
_refine_hist.number_atoms_solvent             5 
_refine_hist.number_atoms_total               101 
_refine_hist.pdbx_number_residues_total       14 
_refine_hist.pdbx_B_iso_mean_solvent          27.11 
_refine_hist.pdbx_number_atoms_protein        96 
_refine_hist.pdbx_number_atoms_nucleic_acid   0 
# 
loop_
_refine_ls_restr.pdbx_refine_id 
_refine_ls_restr.criterion 
_refine_ls_restr.dev_ideal 
_refine_ls_restr.dev_ideal_target 
_refine_ls_restr.number 
_refine_ls_restr.rejects 
_refine_ls_restr.type 
_refine_ls_restr.weight 
_refine_ls_restr.pdbx_restraint_function 
'X-RAY DIFFRACTION' ? 0.014  0.022  94  ? r_bond_refined_d       ? ? 
'X-RAY DIFFRACTION' ? 0.001  0.020  50  ? r_bond_other_d         ? ? 
'X-RAY DIFFRACTION' ? 1.641  2.108  128 ? r_angle_refined_deg    ? ? 
'X-RAY DIFFRACTION' ? 0.858  3.000  130 ? r_angle_other_deg      ? ? 
'X-RAY DIFFRACTION' ? 5.111  5.000  12  ? r_dihedral_angle_1_deg ? ? 
'X-RAY DIFFRACTION' ? 10.264 15.000 16  ? r_dihedral_angle_3_deg ? ? 
'X-RAY DIFFRACTION' ? 0.086  0.200  22  ? r_chiral_restr         ? ? 
'X-RAY DIFFRACTION' ? 0.006  0.020  92  ? r_gen_planes_refined   ? ? 
'X-RAY DIFFRACTION' ? 0.000  0.020  12  ? r_gen_planes_other     ? ? 
# 
_refine_ls_shell.pdbx_refine_id                   'X-RAY DIFFRACTION' 
_refine_ls_shell.d_res_high                       1.7940 
_refine_ls_shell.d_res_low                        1.8390 
_refine_ls_shell.number_reflns_all                48 
_refine_ls_shell.number_reflns_obs                ? 
_refine_ls_shell.number_reflns_R_free             5 
_refine_ls_shell.number_reflns_R_work             43 
_refine_ls_shell.percent_reflns_obs               72.7300 
_refine_ls_shell.percent_reflns_R_free            ? 
_refine_ls_shell.R_factor_all                     ? 
_refine_ls_shell.R_factor_obs                     ? 
_refine_ls_shell.R_factor_R_free                  0.7600 
_refine_ls_shell.R_factor_R_free_error            0.0000 
_refine_ls_shell.R_factor_R_work                  0.1870 
_refine_ls_shell.redundancy_reflns_all            ? 
_refine_ls_shell.redundancy_reflns_obs            ? 
_refine_ls_shell.wR_factor_all                    ? 
_refine_ls_shell.wR_factor_obs                    ? 
_refine_ls_shell.wR_factor_R_free                 ? 
_refine_ls_shell.wR_factor_R_work                 ? 
_refine_ls_shell.pdbx_total_number_of_bins_used   20 
_refine_ls_shell.pdbx_phase_error                 ? 
_refine_ls_shell.pdbx_fsc_work                    ? 
_refine_ls_shell.pdbx_fsc_free                    ? 
# 
_struct.entry_id                     6C4O 
_struct.title                        'AMYLOID FORMING PEPTIDE TIAALLS FROM TRANSTHYRETIN' 
_struct.pdbx_model_details           ? 
_struct.pdbx_formula_weight          ? 
_struct.pdbx_formula_weight_method   ? 
_struct.pdbx_model_type_details      ? 
_struct.pdbx_CASP_flag               N 
# 
_struct_keywords.entry_id        6C4O 
_struct_keywords.text            'amyloid, transthyretin, fibril, PROTEIN FIBRIL' 
_struct_keywords.pdbx_keywords   'PROTEIN FIBRIL' 
# 
loop_
_struct_asym.id 
_struct_asym.pdbx_blank_PDB_chainid_flag 
_struct_asym.pdbx_modified 
_struct_asym.entity_id 
_struct_asym.details 
A N N 1 ? 
B N N 1 ? 
C N N 2 ? 
D N N 2 ? 
# 
_struct_ref.id                         1 
_struct_ref.db_name                    PDB 
_struct_ref.db_code                    6C4O 
_struct_ref.pdbx_db_accession          6C4O 
_struct_ref.pdbx_db_isoform            ? 
_struct_ref.entity_id                  1 
_struct_ref.pdbx_seq_one_letter_code   ? 
_struct_ref.pdbx_align_begin           1 
# 
loop_
_struct_ref_seq.align_id 
_struct_ref_seq.ref_id 
_struct_ref_seq.pdbx_PDB_id_code 
_struct_ref_seq.pdbx_strand_id 
_struct_ref_seq.seq_align_beg 
_struct_ref_seq.pdbx_seq_align_beg_ins_code 
_struct_ref_seq.seq_align_end 
_struct_ref_seq.pdbx_seq_align_end_ins_code 
_struct_ref_seq.pdbx_db_accession 
_struct_ref_seq.db_align_beg 
_struct_ref_seq.pdbx_db_align_beg_ins_code 
_struct_ref_seq.db_align_end 
_struct_ref_seq.pdbx_db_align_end_ins_code 
_struct_ref_seq.pdbx_auth_seq_align_beg 
_struct_ref_seq.pdbx_auth_seq_align_end 
1 1 6C4O A 1 ? 7 ? 6C4O 1 ? 7 ? 1 7 
2 1 6C4O B 1 ? 7 ? 6C4O 1 ? 7 ? 1 7 
# 
_pdbx_struct_assembly.id                   1 
_pdbx_struct_assembly.details              author_defined_assembly 
_pdbx_struct_assembly.method_details       ? 
_pdbx_struct_assembly.oligomeric_details   eicosameric 
_pdbx_struct_assembly.oligomeric_count     20 
# 
_pdbx_struct_assembly_gen.assembly_id       1 
_pdbx_struct_assembly_gen.oper_expression   1,2,3,4,5,6,7,8,9,10 
_pdbx_struct_assembly_gen.asym_id_list      A,B,C,D 
# 
_pdbx_struct_assembly_auth_evidence.id                     1 
_pdbx_struct_assembly_auth_evidence.assembly_id            1 
_pdbx_struct_assembly_auth_evidence.experimental_support   'scanning transmission electron microscopy' 
_pdbx_struct_assembly_auth_evidence.details                ? 
# 
loop_
_pdbx_struct_oper_list.id 
_pdbx_struct_oper_list.type 
_pdbx_struct_oper_list.name 
_pdbx_struct_oper_list.symmetry_operation 
_pdbx_struct_oper_list.matrix[1][1] 
_pdbx_struct_oper_list.matrix[1][2] 
_pdbx_struct_oper_list.matrix[1][3] 
_pdbx_struct_oper_list.vector[1] 
_pdbx_struct_oper_list.matrix[2][1] 
_pdbx_struct_oper_list.matrix[2][2] 
_pdbx_struct_oper_list.matrix[2][3] 
_pdbx_struct_oper_list.vector[2] 
_pdbx_struct_oper_list.matrix[3][1] 
_pdbx_struct_oper_list.matrix[3][2] 
_pdbx_struct_oper_list.matrix[3][3] 
_pdbx_struct_oper_list.vector[3] 
1  'identity operation'         1_555 x,y,z         1.0000000000 0.0000000000  0.0000000000 0.0000000000  0.0000000000  1.0000000000  0.0000000000  0.0000000000   0.0000000000 0.0000000000  1.0000000000  0.0000000000   
2  'crystal symmetry operation' 1_455 x-1,y,z       1.0000000000 0.0000000000  0.0000000000 3.3182069197  0.0000000000  1.0000000000  0.0000000000  -6.8892462314  0.0000000000 0.0000000000  1.0000000000  -5.7991549558  
3  'crystal symmetry operation' 1_655 x+1,y,z       1.0000000000 0.0000000000  0.0000000000 -3.3182069197 0.0000000000  1.0000000000  0.0000000000  6.8892462314   0.0000000000 0.0000000000  1.0000000000  5.7991549558   
4  'crystal symmetry operation' 1_355 x-2,y,z       1.0000000000 0.0000000000  0.0000000000 6.6364138393  0.0000000000  1.0000000000  0.0000000000  -13.7784924628 0.0000000000 0.0000000000  1.0000000000  -11.5983099116 
5  'crystal symmetry operation' 1_755 x+2,y,z       1.0000000000 0.0000000000  0.0000000000 -6.6364138393 0.0000000000  1.0000000000  0.0000000000  13.7784924628  0.0000000000 0.0000000000  1.0000000000  11.5983099116  
6  'crystal symmetry operation' 2_555 -x,y+1/2,-z   0.4409493394 -0.0598022634 0.8955374751 6.9048381160  -0.0598022634 -0.9975180871 -0.0371665863 8.1878574276   0.8955374751 -0.0371665863 -0.4434312523 5.8396195563   
7  'crystal symmetry operation' 2_455 -x-1,y+1/2,-z 0.4409493394 -0.0598022634 0.8955374751 10.2230450357 -0.0598022634 -0.9975180871 -0.0371665863 1.2986111962   0.8955374751 -0.0371665863 -0.4434312523 0.0404646005   
8  'crystal symmetry operation' 2_655 -x+1,y+1/2,-z 0.4409493394 -0.0598022634 0.8955374751 3.5866311964  -0.0598022634 -0.9975180871 -0.0371665863 15.0771036590  0.8955374751 -0.0371665863 -0.4434312523 11.6387745121  
9  'crystal symmetry operation' 2_355 -x-2,y+1/2,-z 0.4409493394 -0.0598022634 0.8955374751 13.5412519554 -0.0598022634 -0.9975180871 -0.0371665863 -5.5906350352  0.8955374751 -0.0371665863 -0.4434312523 -5.7586903553  
10 'crystal symmetry operation' 2_255 -x-3,y+1/2,-z 0.4409493394 -0.0598022634 0.8955374751 16.8594588750 -0.0598022634 -0.9975180871 -0.0371665863 -12.4798812666 0.8955374751 -0.0371665863 -0.4434312523 -11.5578453111 
# 
_struct_sheet.id               AA1 
_struct_sheet.type             ? 
_struct_sheet.number_strands   2 
_struct_sheet.details          ? 
# 
_struct_sheet_order.sheet_id     AA1 
_struct_sheet_order.range_id_1   1 
_struct_sheet_order.range_id_2   2 
_struct_sheet_order.offset       ? 
_struct_sheet_order.sense        anti-parallel 
# 
loop_
_struct_sheet_range.sheet_id 
_struct_sheet_range.id 
_struct_sheet_range.beg_label_comp_id 
_struct_sheet_range.beg_label_asym_id 
_struct_sheet_range.beg_label_seq_id 
_struct_sheet_range.pdbx_beg_PDB_ins_code 
_struct_sheet_range.end_label_comp_id 
_struct_sheet_range.end_label_asym_id 
_struct_sheet_range.end_label_seq_id 
_struct_sheet_range.pdbx_end_PDB_ins_code 
_struct_sheet_range.beg_auth_comp_id 
_struct_sheet_range.beg_auth_asym_id 
_struct_sheet_range.beg_auth_seq_id 
_struct_sheet_range.end_auth_comp_id 
_struct_sheet_range.end_auth_asym_id 
_struct_sheet_range.end_auth_seq_id 
AA1 1 ILE A 2 ? LEU A 6 ? ILE A 2 LEU A 6 
AA1 2 ILE B 2 ? LEU B 6 ? ILE B 2 LEU B 6 
# 
_pdbx_struct_sheet_hbond.sheet_id                AA1 
_pdbx_struct_sheet_hbond.range_id_1              1 
_pdbx_struct_sheet_hbond.range_id_2              2 
_pdbx_struct_sheet_hbond.range_1_label_atom_id   N 
_pdbx_struct_sheet_hbond.range_1_label_comp_id   LEU 
_pdbx_struct_sheet_hbond.range_1_label_asym_id   A 
_pdbx_struct_sheet_hbond.range_1_label_seq_id    5 
_pdbx_struct_sheet_hbond.range_1_PDB_ins_code    ? 
_pdbx_struct_sheet_hbond.range_1_auth_atom_id    N 
_pdbx_struct_sheet_hbond.range_1_auth_comp_id    LEU 
_pdbx_struct_sheet_hbond.range_1_auth_asym_id    A 
_pdbx_struct_sheet_hbond.range_1_auth_seq_id     5 
_pdbx_struct_sheet_hbond.range_2_label_atom_id   O 
_pdbx_struct_sheet_hbond.range_2_label_comp_id   ALA 
_pdbx_struct_sheet_hbond.range_2_label_asym_id   B 
_pdbx_struct_sheet_hbond.range_2_label_seq_id    3 
_pdbx_struct_sheet_hbond.range_2_PDB_ins_code    ? 
_pdbx_struct_sheet_hbond.range_2_auth_atom_id    O 
_pdbx_struct_sheet_hbond.range_2_auth_comp_id    ALA 
_pdbx_struct_sheet_hbond.range_2_auth_asym_id    B 
_pdbx_struct_sheet_hbond.range_2_auth_seq_id     3 
# 
loop_
_chem_comp_atom.comp_id 
_chem_comp_atom.atom_id 
_chem_comp_atom.type_symbol 
_chem_comp_atom.pdbx_aromatic_flag 
_chem_comp_atom.pdbx_stereo_config 
_chem_comp_atom.pdbx_ordinal 
ALA N    N N N 1  
ALA CA   C N S 2  
ALA C    C N N 3  
ALA O    O N N 4  
ALA CB   C N N 5  
ALA OXT  O N N 6  
ALA H    H N N 7  
ALA H2   H N N 8  
ALA HA   H N N 9  
ALA HB1  H N N 10 
ALA HB2  H N N 11 
ALA HB3  H N N 12 
ALA HXT  H N N 13 
HOH O    O N N 14 
HOH H1   H N N 15 
HOH H2   H N N 16 
ILE N    N N N 17 
ILE CA   C N S 18 
ILE C    C N N 19 
ILE O    O N N 20 
ILE CB   C N S 21 
ILE CG1  C N N 22 
ILE CG2  C N N 23 
ILE CD1  C N N 24 
ILE OXT  O N N 25 
ILE H    H N N 26 
ILE H2   H N N 27 
ILE HA   H N N 28 
ILE HB   H N N 29 
ILE HG12 H N N 30 
ILE HG13 H N N 31 
ILE HG21 H N N 32 
ILE HG22 H N N 33 
ILE HG23 H N N 34 
ILE HD11 H N N 35 
ILE HD12 H N N 36 
ILE HD13 H N N 37 
ILE HXT  H N N 38 
LEU N    N N N 39 
LEU CA   C N S 40 
LEU C    C N N 41 
LEU O    O N N 42 
LEU CB   C N N 43 
LEU CG   C N N 44 
LEU CD1  C N N 45 
LEU CD2  C N N 46 
LEU OXT  O N N 47 
LEU H    H N N 48 
LEU H2   H N N 49 
LEU HA   H N N 50 
LEU HB2  H N N 51 
LEU HB3  H N N 52 
LEU HG   H N N 53 
LEU HD11 H N N 54 
LEU HD12 H N N 55 
LEU HD13 H N N 56 
LEU HD21 H N N 57 
LEU HD22 H N N 58 
LEU HD23 H N N 59 
LEU HXT  H N N 60 
SER N    N N N 61 
SER CA   C N S 62 
SER C    C N N 63 
SER O    O N N 64 
SER CB   C N N 65 
SER OG   O N N 66 
SER OXT  O N N 67 
SER H    H N N 68 
SER H2   H N N 69 
SER HA   H N N 70 
SER HB2  H N N 71 
SER HB3  H N N 72 
SER HG   H N N 73 
SER HXT  H N N 74 
THR N    N N N 75 
THR CA   C N S 76 
THR C    C N N 77 
THR O    O N N 78 
THR CB   C N R 79 
THR OG1  O N N 80 
THR CG2  C N N 81 
THR OXT  O N N 82 
THR H    H N N 83 
THR H2   H N N 84 
THR HA   H N N 85 
THR HB   H N N 86 
THR HG1  H N N 87 
THR HG21 H N N 88 
THR HG22 H N N 89 
THR HG23 H N N 90 
THR HXT  H N N 91 
# 
loop_
_chem_comp_bond.comp_id 
_chem_comp_bond.atom_id_1 
_chem_comp_bond.atom_id_2 
_chem_comp_bond.value_order 
_chem_comp_bond.pdbx_aromatic_flag 
_chem_comp_bond.pdbx_stereo_config 
_chem_comp_bond.pdbx_ordinal 
ALA N   CA   sing N N 1  
ALA N   H    sing N N 2  
ALA N   H2   sing N N 3  
ALA CA  C    sing N N 4  
ALA CA  CB   sing N N 5  
ALA CA  HA   sing N N 6  
ALA C   O    doub N N 7  
ALA C   OXT  sing N N 8  
ALA CB  HB1  sing N N 9  
ALA CB  HB2  sing N N 10 
ALA CB  HB3  sing N N 11 
ALA OXT HXT  sing N N 12 
HOH O   H1   sing N N 13 
HOH O   H2   sing N N 14 
ILE N   CA   sing N N 15 
ILE N   H    sing N N 16 
ILE N   H2   sing N N 17 
ILE CA  C    sing N N 18 
ILE CA  CB   sing N N 19 
ILE CA  HA   sing N N 20 
ILE C   O    doub N N 21 
ILE C   OXT  sing N N 22 
ILE CB  CG1  sing N N 23 
ILE CB  CG2  sing N N 24 
ILE CB  HB   sing N N 25 
ILE CG1 CD1  sing N N 26 
ILE CG1 HG12 sing N N 27 
ILE CG1 HG13 sing N N 28 
ILE CG2 HG21 sing N N 29 
ILE CG2 HG22 sing N N 30 
ILE CG2 HG23 sing N N 31 
ILE CD1 HD11 sing N N 32 
ILE CD1 HD12 sing N N 33 
ILE CD1 HD13 sing N N 34 
ILE OXT HXT  sing N N 35 
LEU N   CA   sing N N 36 
LEU N   H    sing N N 37 
LEU N   H2   sing N N 38 
LEU CA  C    sing N N 39 
LEU CA  CB   sing N N 40 
LEU CA  HA   sing N N 41 
LEU C   O    doub N N 42 
LEU C   OXT  sing N N 43 
LEU CB  CG   sing N N 44 
LEU CB  HB2  sing N N 45 
LEU CB  HB3  sing N N 46 
LEU CG  CD1  sing N N 47 
LEU CG  CD2  sing N N 48 
LEU CG  HG   sing N N 49 
LEU CD1 HD11 sing N N 50 
LEU CD1 HD12 sing N N 51 
LEU CD1 HD13 sing N N 52 
LEU CD2 HD21 sing N N 53 
LEU CD2 HD22 sing N N 54 
LEU CD2 HD23 sing N N 55 
LEU OXT HXT  sing N N 56 
SER N   CA   sing N N 57 
SER N   H    sing N N 58 
SER N   H2   sing N N 59 
SER CA  C    sing N N 60 
SER CA  CB   sing N N 61 
SER CA  HA   sing N N 62 
SER C   O    doub N N 63 
SER C   OXT  sing N N 64 
SER CB  OG   sing N N 65 
SER CB  HB2  sing N N 66 
SER CB  HB3  sing N N 67 
SER OG  HG   sing N N 68 
SER OXT HXT  sing N N 69 
THR N   CA   sing N N 70 
THR N   H    sing N N 71 
THR N   H2   sing N N 72 
THR CA  C    sing N N 73 
THR CA  CB   sing N N 74 
THR CA  HA   sing N N 75 
THR C   O    doub N N 76 
THR C   OXT  sing N N 77 
THR CB  OG1  sing N N 78 
THR CB  CG2  sing N N 79 
THR CB  HB   sing N N 80 
THR OG1 HG1  sing N N 81 
THR CG2 HG21 sing N N 82 
THR CG2 HG22 sing N N 83 
THR CG2 HG23 sing N N 84 
THR OXT HXT  sing N N 85 
# 
_atom_sites.entry_id                    6C4O 
_atom_sites.fract_transf_matrix[1][1]   -0.03182036 
_atom_sites.fract_transf_matrix[1][2]   0.08211287 
_atom_sites.fract_transf_matrix[1][3]   0.05668335 
_atom_sites.fract_transf_matrix[2][1]   0.04904666 
_atom_sites.fract_transf_matrix[2][2]   -0.00203553 
_atom_sites.fract_transf_matrix[2][3]   0.03048207 
_atom_sites.fract_transf_matrix[3][1]   0.01608135 
_atom_sites.fract_transf_matrix[3][2]   0.02795530 
_atom_sites.fract_transf_matrix[3][3]   -0.02400862 
_atom_sites.fract_transf_vector[1]      -0.391812 
_atom_sites.fract_transf_vector[2]      -0.163617 
_atom_sites.fract_transf_vector[3]      -0.099866 
# 
loop_
_atom_type.symbol 
C 
N 
O 
# 
loop_
_atom_site.group_PDB 
_atom_site.id 
_atom_site.type_symbol 
_atom_site.label_atom_id 
_atom_site.label_alt_id 
_atom_site.label_comp_id 
_atom_site.label_asym_id 
_atom_site.label_entity_id 
_atom_site.label_seq_id 
_atom_site.pdbx_PDB_ins_code 
_atom_site.Cartn_x 
_atom_site.Cartn_y 
_atom_site.Cartn_z 
_atom_site.occupancy 
_atom_site.B_iso_or_equiv 
_atom_site.pdbx_formal_charge 
_atom_site.auth_seq_id 
_atom_site.auth_comp_id 
_atom_site.auth_asym_id 
_atom_site.auth_atom_id 
_atom_site.pdbx_PDB_model_num 
ATOM   1   N N   . THR A 1 1 ? 3.877  5.970   -8.399  1.00 8.19  ? 1   THR A N   1 
ATOM   2   C CA  . THR A 1 1 ? 4.288  4.796   -7.599  1.00 10.72 ? 1   THR A CA  1 
ATOM   3   C C   . THR A 1 1 ? 3.170  4.380   -6.656  1.00 8.75  ? 1   THR A C   1 
ATOM   4   O O   . THR A 1 1 ? 2.511  5.220   -6.026  1.00 9.83  ? 1   THR A O   1 
ATOM   5   C CB  . THR A 1 1 ? 5.558  5.094   -6.742  1.00 10.80 ? 1   THR A CB  1 
ATOM   6   O OG1 . THR A 1 1 ? 6.537  5.757   -7.538  1.00 15.14 ? 1   THR A OG1 1 
ATOM   7   C CG2 . THR A 1 1 ? 6.156  3.818   -6.179  1.00 11.24 ? 1   THR A CG2 1 
ATOM   8   N N   . ILE A 1 2 ? 2.957  3.077   -6.574  1.00 7.92  ? 2   ILE A N   1 
ATOM   9   C CA  . ILE A 1 2 ? 2.045  2.497   -5.585  1.00 6.65  ? 2   ILE A CA  1 
ATOM   10  C C   . ILE A 1 2 ? 2.770  1.362   -4.888  1.00 4.74  ? 2   ILE A C   1 
ATOM   11  O O   . ILE A 1 2 ? 3.306  0.469   -5.558  1.00 3.79  ? 2   ILE A O   1 
ATOM   12  C CB  . ILE A 1 2 ? 0.752  1.953   -6.237  1.00 6.87  ? 2   ILE A CB  1 
ATOM   13  C CG1 . ILE A 1 2 ? -0.087 3.088   -6.784  1.00 6.91  ? 2   ILE A CG1 1 
ATOM   14  C CG2 . ILE A 1 2 ? -0.092 1.210   -5.221  1.00 8.59  ? 2   ILE A CG2 1 
ATOM   15  C CD1 . ILE A 1 2 ? -1.442 2.588   -7.404  1.00 8.10  ? 2   ILE A CD1 1 
ATOM   16  N N   . ALA A 1 3 ? 2.834  1.411   -3.554  1.00 5.62  ? 3   ALA A N   1 
ATOM   17  C CA  . ALA A 1 3 ? 3.380  0.311   -2.741  1.00 4.82  ? 3   ALA A CA  1 
ATOM   18  C C   . ALA A 1 3 ? 2.304  -0.086  -1.757  1.00 2.00  ? 3   ALA A C   1 
ATOM   19  O O   . ALA A 1 3 ? 1.834  0.748   -0.957  1.00 5.62  ? 3   ALA A O   1 
ATOM   20  C CB  . ALA A 1 3 ? 4.660  0.727   -2.005  1.00 4.65  ? 3   ALA A CB  1 
ATOM   21  N N   . ALA A 1 4 ? 1.909  -1.353  -1.799  1.00 4.00  ? 4   ALA A N   1 
ATOM   22  C CA  . ALA A 1 4 ? 0.792  -1.820  -1.007  1.00 2.25  ? 4   ALA A CA  1 
ATOM   23  C C   . ALA A 1 4 ? 0.987  -3.189  -0.432  1.00 3.00  ? 4   ALA A C   1 
ATOM   24  O O   . ALA A 1 4 ? 1.565  -4.073  -1.081  1.00 7.89  ? 4   ALA A O   1 
ATOM   25  C CB  . ALA A 1 4 ? -0.483 -1.817  -1.879  1.00 2.35  ? 4   ALA A CB  1 
ATOM   26  N N   . LEU A 1 5 ? 0.420  -3.375  0.763   1.00 4.46  ? 5   LEU A N   1 
ATOM   27  C CA  . LEU A 1 5 ? 0.431  -4.671  1.447   1.00 5.09  ? 5   LEU A CA  1 
ATOM   28  C C   . LEU A 1 5 ? -0.937 -4.858  2.068   1.00 3.17  ? 5   LEU A C   1 
ATOM   29  O O   . LEU A 1 5 ? -1.359 -4.060  2.935   1.00 4.56  ? 5   LEU A O   1 
ATOM   30  C CB  . LEU A 1 5 ? 1.518  -4.701  2.503   1.00 7.07  ? 5   LEU A CB  1 
ATOM   31  C CG  . LEU A 1 5 ? 1.898  -6.017  3.141   1.00 9.36  ? 5   LEU A CG  1 
ATOM   32  C CD1 . LEU A 1 5 ? 2.372  -6.989  2.106   1.00 8.37  ? 5   LEU A CD1 1 
ATOM   33  C CD2 . LEU A 1 5 ? 3.007  -5.732  4.214   1.00 8.26  ? 5   LEU A CD2 1 
ATOM   34  N N   . LEU A 1 6 ? -1.652 -5.863  1.569   1.00 9.62  ? 6   LEU A N   1 
ATOM   35  C CA  . LEU A 1 6 ? -2.993 -6.223  2.039   1.00 8.80  ? 6   LEU A CA  1 
ATOM   36  C C   . LEU A 1 6 ? -2.801 -7.546  2.740   1.00 11.24 ? 6   LEU A C   1 
ATOM   37  O O   . LEU A 1 6 ? -2.355 -8.519  2.120   1.00 11.65 ? 6   LEU A O   1 
ATOM   38  C CB  . LEU A 1 6 ? -3.950 -6.367  0.845   1.00 10.66 ? 6   LEU A CB  1 
ATOM   39  C CG  . LEU A 1 6 ? -3.786 -5.295  -0.238  1.00 7.11  ? 6   LEU A CG  1 
ATOM   40  C CD1 . LEU A 1 6 ? -4.721 -5.599  -1.377  1.00 13.45 ? 6   LEU A CD1 1 
ATOM   41  C CD2 . LEU A 1 6 ? -3.996 -3.906  0.280   1.00 10.78 ? 6   LEU A CD2 1 
ATOM   42  N N   . SER A 1 7 ? -3.057 -7.579  4.042   1.00 14.23 ? 7   SER A N   1 
ATOM   43  C CA  . SER A 1 7 ? -2.802 -8.780  4.828   1.00 18.08 ? 7   SER A CA  1 
ATOM   44  C C   . SER A 1 7 ? -3.916 -9.100  5.807   1.00 23.00 ? 7   SER A C   1 
ATOM   45  O O   . SER A 1 7 ? -3.881 -10.168 6.421   1.00 29.88 ? 7   SER A O   1 
ATOM   46  C CB  . SER A 1 7 ? -1.458 -8.652  5.563   1.00 19.18 ? 7   SER A CB  1 
ATOM   47  O OG  . SER A 1 7 ? -1.413 -7.511  6.401   1.00 19.54 ? 7   SER A OG  1 
ATOM   48  O OXT . SER A 1 7 ? -4.869 -8.338  6.010   1.00 27.35 ? 7   SER A OXT 1 
ATOM   49  N N   . THR B 1 1 ? -5.460 -6.087  7.469   1.00 22.26 ? 1   THR B N   1 
ATOM   50  C CA  . THR B 1 1 ? -4.646 -4.845  7.484   1.00 18.47 ? 1   THR B CA  1 
ATOM   51  C C   . THR B 1 1 ? -4.351 -4.425  6.054   1.00 12.73 ? 1   THR B C   1 
ATOM   52  O O   . THR B 1 1 ? -4.003 -5.266  5.204   1.00 15.09 ? 1   THR B O   1 
ATOM   53  C CB  . THR B 1 1 ? -3.324 -5.049  8.237   1.00 21.17 ? 1   THR B CB  1 
ATOM   54  O OG1 . THR B 1 1 ? -3.586 -5.538  9.558   1.00 25.41 ? 1   THR B OG1 1 
ATOM   55  C CG2 . THR B 1 1 ? -2.573 -3.749  8.333   1.00 21.72 ? 1   THR B CG2 1 
ATOM   56  N N   . ILE B 1 2 ? -4.525 -3.132  5.790   1.00 8.26  ? 2   ILE B N   1 
ATOM   57  C CA  . ILE B 1 2 ? -4.244 -2.532  4.497   1.00 7.26  ? 2   ILE B CA  1 
ATOM   58  C C   . ILE B 1 2 ? -3.245 -1.407  4.709   1.00 4.46  ? 2   ILE B C   1 
ATOM   59  O O   . ILE B 1 2 ? -3.513 -0.454  5.466   1.00 5.34  ? 2   ILE B O   1 
ATOM   60  C CB  . ILE B 1 2 ? -5.516 -1.944  3.886   1.00 7.67  ? 2   ILE B CB  1 
ATOM   61  C CG1 . ILE B 1 2 ? -6.573 -3.034  3.744   1.00 9.10  ? 2   ILE B CG1 1 
ATOM   62  C CG2 . ILE B 1 2 ? -5.227 -1.254  2.562   1.00 8.05  ? 2   ILE B CG2 1 
ATOM   63  C CD1 . ILE B 1 2 ? -7.707 -2.640  2.861   1.00 18.20 ? 2   ILE B CD1 1 
ATOM   64  N N   . ALA B 1 3 ? -2.076 -1.539  4.091   1.00 5.60  ? 3   ALA B N   1 
ATOM   65  C CA  . ALA B 1 3 ? -1.061 -0.485  4.091   1.00 3.67  ? 3   ALA B CA  1 
ATOM   66  C C   . ALA B 1 3 ? -0.830 -0.043  2.634   1.00 5.00  ? 3   ALA B C   1 
ATOM   67  O O   . ALA B 1 3 ? -0.668 -0.890  1.737   1.00 2.96  ? 3   ALA B O   1 
ATOM   68  C CB  . ALA B 1 3 ? 0.240  -0.973  4.759   1.00 6.69  ? 3   ALA B CB  1 
ATOM   69  N N   . ALA B 1 4 ? -0.834 1.266   2.395   1.00 3.29  ? 4   ALA B N   1 
ATOM   70  C CA  . ALA B 1 4 ? -0.517 1.789   1.064   1.00 3.78  ? 4   ALA B CA  1 
ATOM   71  C C   . ALA B 1 4 ? 0.166  3.152   1.044   1.00 2.00  ? 4   ALA B C   1 
ATOM   72  O O   . ALA B 1 4 ? -0.112 4.036   1.872   1.00 4.20  ? 4   ALA B O   1 
ATOM   73  C CB  . ALA B 1 4 ? -1.788 1.847   0.228   1.00 3.44  ? 4   ALA B CB  1 
ATOM   74  N N   . LEU B 1 5 ? 1.070  3.297   0.086   1.00 3.37  ? 5   LEU B N   1 
ATOM   75  C CA  . LEU B 1 5 ? 1.752  4.547   -0.229  1.00 4.74  ? 5   LEU B CA  1 
ATOM   76  C C   . LEU B 1 5 ? 1.545  4.779   -1.731  1.00 3.68  ? 5   LEU B C   1 
ATOM   77  O O   . LEU B 1 5 ? 1.860  3.910   -2.560  1.00 5.81  ? 5   LEU B O   1 
ATOM   78  C CB  . LEU B 1 5 ? 3.237  4.468   0.131   1.00 6.17  ? 5   LEU B CB  1 
ATOM   79  C CG  . LEU B 1 5 ? 4.046  5.738   -0.138  1.00 6.61  ? 5   LEU B CG  1 
ATOM   80  C CD1 . LEU B 1 5 ? 3.709  6.794   0.887   1.00 5.28  ? 5   LEU B CD1 1 
ATOM   81  C CD2 . LEU B 1 5 ? 5.530  5.458   -0.184  1.00 10.12 ? 5   LEU B CD2 1 
ATOM   82  N N   . LEU B 1 6 ? 0.966  5.938   -2.049  1.00 4.67  ? 6   LEU B N   1 
ATOM   83  C CA  . LEU B 1 6 ? 0.678  6.357   -3.408  1.00 5.17  ? 6   LEU B CA  1 
ATOM   84  C C   . LEU B 1 6 ? 1.279  7.730   -3.648  1.00 4.96  ? 6   LEU B C   1 
ATOM   85  O O   . LEU B 1 6 ? 0.872  8.716   -3.018  1.00 5.69  ? 6   LEU B O   1 
ATOM   86  C CB  . LEU B 1 6 ? -0.840 6.421   -3.685  1.00 4.02  ? 6   LEU B CB  1 
ATOM   87  C CG  . LEU B 1 6 ? -1.708 5.194   -3.455  1.00 8.20  ? 6   LEU B CG  1 
ATOM   88  C CD1 . LEU B 1 6 ? -1.993 4.976   -2.030  1.00 9.28  ? 6   LEU B CD1 1 
ATOM   89  C CD2 . LEU B 1 6 ? -3.029 5.403   -4.222  1.00 12.18 ? 6   LEU B CD2 1 
ATOM   90  N N   . SER B 1 7 ? 2.212  7.807   -4.589  1.00 9.79  ? 7   SER B N   1 
ATOM   91  C CA  . SER B 1 7 ? 2.896  9.059   -4.881  1.00 13.18 ? 7   SER B CA  1 
ATOM   92  C C   . SER B 1 7 ? 3.211  9.185   -6.352  1.00 18.17 ? 7   SER B C   1 
ATOM   93  O O   . SER B 1 7 ? 3.756  8.247   -6.957  1.00 16.59 ? 7   SER B O   1 
ATOM   94  C CB  . SER B 1 7 ? 4.209  9.130   -4.108  1.00 17.31 ? 7   SER B CB  1 
ATOM   95  O OG  . SER B 1 7 ? 5.090  8.149   -4.623  1.00 23.71 ? 7   SER B OG  1 
ATOM   96  O OXT . SER B 1 7 ? 2.951  10.242  -6.943  1.00 18.75 ? 7   SER B OXT 1 
HETATM 97  O O   . HOH C 2 . ? 8.309  7.567   -7.267  1.00 30.59 ? 101 HOH A O   1 
HETATM 98  O O   . HOH C 2 . ? -0.893 -4.967  5.592   1.00 21.33 ? 102 HOH A O   1 
HETATM 99  O O   . HOH C 2 . ? 2.438  4.819   -10.735 1.00 30.17 ? 103 HOH A O   1 
HETATM 100 O O   . HOH D 2 . ? 2.616  11.066  -9.411  1.00 18.39 ? 101 HOH B O   1 
HETATM 101 O O   . HOH D 2 . ? 1.333  12.314  -7.009  1.00 35.06 ? 102 HOH B O   1 
# 
